data_5EQ3
#
_entry.id   5EQ3
#
_cell.length_a   174.620
_cell.length_b   47.005
_cell.length_c   64.026
_cell.angle_alpha   90.000
_cell.angle_beta   102.150
_cell.angle_gamma   90.000
#
_symmetry.space_group_name_H-M   'C 1 2 1'
#
loop_
_entity.id
_entity.type
_entity.pdbx_description
1 polymer 'Platelet-binding glycoprotein'
2 branched 'N-glycolyl-alpha-neuraminic acid-(2-3)-methyl beta-D-galactopyranoside'
3 non-polymer 'CALCIUM ION'
4 non-polymer 'ACETATE ION'
5 non-polymer 'SODIUM ION'
6 water water
#
_entity_poly.entity_id   1
_entity_poly.type   'polypeptide(L)'
_entity_poly.pdbx_seq_one_letter_code
;RRATDTTPPTITVPSDIIAYRGEEFEFYFEITDDSGQVKNIELSTFGKPLGLNWLEYSEDNFNVPGNATSDNPLRVRVHG
TVPLNEPIPADKNRAQFTRTIRAWDAAGNVSSNITFVIKYRAQTDKYNPADPTITYVDRLSSLSPSEKNAVEAAVRAANP
QIPAAARITVSANGTVTITYPDSSTDTITANRVVKDLASSR
;
_entity_poly.pdbx_strand_id   A,B
#
# COMPACT_ATOMS: atom_id res chain seq x y z
N THR A 4 -31.27 -15.60 59.15
CA THR A 4 -29.92 -15.55 58.62
C THR A 4 -29.85 -15.90 57.13
N ASP A 5 -28.92 -15.29 56.41
CA ASP A 5 -28.72 -15.55 54.98
C ASP A 5 -27.95 -16.85 54.79
N THR A 6 -28.62 -17.84 54.20
CA THR A 6 -27.97 -19.12 53.92
C THR A 6 -27.98 -19.42 52.42
N THR A 7 -28.42 -18.45 51.62
CA THR A 7 -28.64 -18.69 50.19
C THR A 7 -27.58 -17.98 49.37
N PRO A 8 -26.87 -18.70 48.47
CA PRO A 8 -25.80 -18.01 47.73
C PRO A 8 -26.33 -17.14 46.58
N PRO A 9 -25.47 -16.30 45.99
CA PRO A 9 -25.90 -15.49 44.83
C PRO A 9 -26.36 -16.32 43.63
N THR A 10 -27.13 -15.69 42.75
CA THR A 10 -27.60 -16.30 41.51
C THR A 10 -26.98 -15.60 40.30
N ILE A 11 -26.32 -16.38 39.44
CA ILE A 11 -25.62 -15.82 38.28
C ILE A 11 -26.29 -16.15 36.95
N THR A 12 -26.51 -15.12 36.12
CA THR A 12 -26.99 -15.28 34.76
C THR A 12 -25.82 -15.14 33.77
N VAL A 13 -25.67 -16.12 32.88
CA VAL A 13 -24.56 -16.11 31.91
CA VAL A 13 -24.57 -16.19 31.91
C VAL A 13 -25.03 -15.85 30.48
N PRO A 14 -24.18 -15.17 29.67
CA PRO A 14 -24.54 -15.01 28.25
C PRO A 14 -24.49 -16.35 27.50
N SER A 15 -25.38 -16.57 26.55
CA SER A 15 -25.55 -17.91 26.00
C SER A 15 -24.75 -18.13 24.70
N ASP A 16 -24.46 -17.07 23.97
CA ASP A 16 -23.68 -17.22 22.74
C ASP A 16 -22.55 -16.20 22.72
N ILE A 17 -21.47 -16.49 23.44
CA ILE A 17 -20.29 -15.62 23.43
C ILE A 17 -19.39 -16.00 22.24
N ILE A 18 -19.26 -15.09 21.28
CA ILE A 18 -18.39 -15.33 20.11
CA ILE A 18 -18.37 -15.34 20.13
C ILE A 18 -17.34 -14.22 19.99
N ALA A 19 -16.08 -14.61 19.84
CA ALA A 19 -14.97 -13.67 19.71
C ALA A 19 -14.19 -13.97 18.44
N TYR A 20 -13.62 -12.94 17.83
CA TYR A 20 -12.77 -13.11 16.65
C TYR A 20 -11.35 -12.77 17.02
N ARG A 21 -10.41 -13.64 16.66
CA ARG A 21 -9.00 -13.43 17.00
C ARG A 21 -8.52 -12.02 16.66
N GLY A 22 -7.82 -11.41 17.61
CA GLY A 22 -7.23 -10.10 17.37
C GLY A 22 -8.20 -8.95 17.55
N GLU A 23 -9.46 -9.25 17.87
CA GLU A 23 -10.46 -8.19 18.02
C GLU A 23 -11.09 -8.16 19.40
N GLU A 24 -11.06 -7.00 20.05
CA GLU A 24 -11.62 -6.84 21.39
C GLU A 24 -13.09 -7.28 21.46
N PHE A 25 -13.42 -8.07 22.47
CA PHE A 25 -14.82 -8.46 22.70
C PHE A 25 -15.19 -8.16 24.13
N GLU A 26 -16.48 -8.17 24.42
CA GLU A 26 -16.93 -8.03 25.81
C GLU A 26 -18.26 -8.73 26.01
N PHE A 27 -18.53 -9.09 27.25
CA PHE A 27 -19.83 -9.67 27.62
C PHE A 27 -20.06 -9.45 29.11
N TYR A 28 -21.30 -9.65 29.54
CA TYR A 28 -21.70 -9.34 30.91
C TYR A 28 -22.25 -10.54 31.64
N PHE A 29 -21.85 -10.70 32.90
CA PHE A 29 -22.57 -11.56 33.83
C PHE A 29 -23.53 -10.68 34.64
N GLU A 30 -24.75 -11.16 34.89
CA GLU A 30 -25.67 -10.48 35.81
C GLU A 30 -25.83 -11.29 37.09
N ILE A 31 -25.60 -10.67 38.25
CA ILE A 31 -25.64 -11.38 39.51
C ILE A 31 -26.60 -10.69 40.51
N THR A 32 -27.38 -11.49 41.23
CA THR A 32 -28.26 -10.96 42.28
C THR A 32 -28.12 -11.82 43.53
N ASP A 33 -28.47 -11.28 44.70
CA ASP A 33 -28.50 -12.06 45.92
C ASP A 33 -29.67 -11.59 46.76
N ASP A 34 -30.20 -12.47 47.59
CA ASP A 34 -31.34 -12.12 48.43
C ASP A 34 -30.98 -10.98 49.40
N SER A 35 -29.73 -10.92 49.85
CA SER A 35 -29.25 -9.79 50.67
C SER A 35 -29.13 -8.49 49.89
N GLY A 36 -29.06 -8.58 48.57
CA GLY A 36 -28.85 -7.42 47.73
C GLY A 36 -27.39 -7.02 47.63
N GLN A 37 -26.51 -7.83 48.21
CA GLN A 37 -25.10 -7.54 48.20
C GLN A 37 -24.26 -8.72 47.74
N VAL A 38 -23.48 -8.52 46.68
CA VAL A 38 -22.53 -9.52 46.21
C VAL A 38 -21.12 -9.02 46.51
N LYS A 39 -20.31 -9.90 47.11
CA LYS A 39 -18.96 -9.54 47.57
C LYS A 39 -17.91 -9.63 46.49
N ASN A 40 -17.90 -10.76 45.77
CA ASN A 40 -16.92 -10.98 44.72
C ASN A 40 -17.25 -12.22 43.90
N ILE A 41 -16.48 -12.42 42.83
CA ILE A 41 -16.62 -13.59 41.96
C ILE A 41 -15.28 -14.30 41.76
N GLU A 42 -15.34 -15.49 41.14
CA GLU A 42 -14.15 -16.25 40.74
C GLU A 42 -14.37 -16.84 39.36
N LEU A 43 -13.48 -16.53 38.41
CA LEU A 43 -13.49 -17.18 37.11
C LEU A 43 -12.46 -18.31 37.20
N SER A 44 -12.85 -19.52 36.83
CA SER A 44 -11.96 -20.67 36.95
CA SER A 44 -11.92 -20.63 36.91
C SER A 44 -12.16 -21.67 35.82
N THR A 45 -11.33 -22.71 35.83
CA THR A 45 -11.53 -23.89 34.99
C THR A 45 -12.03 -25.01 35.92
N PHE A 46 -13.32 -24.95 36.29
CA PHE A 46 -13.89 -25.92 37.21
C PHE A 46 -13.06 -26.03 38.48
N GLY A 47 -12.74 -24.90 39.09
CA GLY A 47 -11.98 -24.92 40.32
C GLY A 47 -10.48 -24.82 40.12
N LYS A 48 -10.01 -25.05 38.89
CA LYS A 48 -8.57 -24.90 38.58
C LYS A 48 -8.29 -23.50 38.01
N PRO A 49 -6.99 -23.11 37.88
CA PRO A 49 -6.68 -21.80 37.31
C PRO A 49 -7.45 -21.52 36.03
N LEU A 50 -7.85 -20.27 35.87
CA LEU A 50 -8.53 -19.81 34.67
C LEU A 50 -7.71 -20.08 33.40
N GLY A 51 -6.41 -19.78 33.48
CA GLY A 51 -5.50 -20.07 32.39
C GLY A 51 -5.72 -19.24 31.13
N LEU A 52 -6.28 -18.05 31.27
CA LEU A 52 -6.46 -17.15 30.13
C LEU A 52 -6.09 -15.73 30.56
N ASN A 53 -4.82 -15.37 30.43
CA ASN A 53 -4.34 -14.09 30.92
C ASN A 53 -4.87 -12.89 30.13
N TRP A 54 -5.43 -13.15 28.95
CA TRP A 54 -6.02 -12.08 28.15
C TRP A 54 -7.47 -11.76 28.50
N LEU A 55 -8.04 -12.55 29.40
CA LEU A 55 -9.40 -12.31 29.86
C LEU A 55 -9.36 -11.38 31.06
N GLU A 56 -10.21 -10.35 31.06
CA GLU A 56 -10.18 -9.36 32.14
C GLU A 56 -11.58 -8.94 32.55
N TYR A 57 -11.71 -8.43 33.76
CA TYR A 57 -13.01 -7.98 34.24
C TYR A 57 -12.81 -6.98 35.36
N SER A 58 -13.75 -6.04 35.47
CA SER A 58 -13.66 -5.00 36.47
CA SER A 58 -13.67 -4.99 36.46
C SER A 58 -14.33 -5.39 37.79
N GLU A 59 -13.71 -5.01 38.89
CA GLU A 59 -14.23 -5.28 40.22
C GLU A 59 -15.00 -4.06 40.71
N ASP A 60 -15.39 -3.21 39.77
CA ASP A 60 -16.14 -2.00 40.08
C ASP A 60 -17.44 -2.35 40.80
N ASN A 61 -17.67 -1.69 41.93
CA ASN A 61 -18.91 -1.82 42.68
C ASN A 61 -19.04 -3.15 43.40
N PHE A 62 -17.95 -3.89 43.51
CA PHE A 62 -17.97 -5.15 44.26
C PHE A 62 -18.11 -4.87 45.75
N ASN A 63 -18.86 -5.73 46.45
CA ASN A 63 -18.99 -5.68 47.89
C ASN A 63 -19.51 -4.34 48.42
N VAL A 64 -20.57 -3.84 47.80
CA VAL A 64 -21.23 -2.61 48.20
C VAL A 64 -22.70 -2.96 48.51
N PRO A 65 -23.20 -2.54 49.67
CA PRO A 65 -24.63 -2.76 49.97
C PRO A 65 -25.49 -2.33 48.81
N GLY A 66 -26.47 -3.14 48.45
CA GLY A 66 -27.38 -2.77 47.38
C GLY A 66 -26.91 -3.00 45.96
N ASN A 67 -25.69 -3.49 45.78
CA ASN A 67 -25.12 -3.62 44.45
C ASN A 67 -25.68 -4.77 43.60
N ALA A 68 -26.59 -5.56 44.16
CA ALA A 68 -26.99 -6.81 43.51
C ALA A 68 -28.42 -7.22 43.81
N THR A 69 -29.36 -6.31 43.56
CA THR A 69 -30.76 -6.61 43.77
C THR A 69 -31.39 -7.11 42.47
N SER A 70 -32.57 -7.67 42.60
CA SER A 70 -33.39 -8.15 41.50
C SER A 70 -33.68 -7.05 40.47
N ASP A 71 -34.02 -5.86 40.95
CA ASP A 71 -34.29 -4.70 40.10
C ASP A 71 -33.01 -4.15 39.48
N ASN A 72 -31.93 -4.12 40.27
CA ASN A 72 -30.63 -3.66 39.77
C ASN A 72 -29.51 -4.68 40.05
N PRO A 73 -29.32 -5.64 39.13
CA PRO A 73 -28.32 -6.70 39.32
C PRO A 73 -26.93 -6.13 39.25
N LEU A 74 -25.98 -6.81 39.86
CA LEU A 74 -24.58 -6.51 39.65
C LEU A 74 -24.22 -6.91 38.20
N ARG A 75 -23.78 -5.95 37.39
CA ARG A 75 -23.42 -6.25 36.01
C ARG A 75 -21.91 -6.27 35.86
N VAL A 76 -21.38 -7.47 35.68
CA VAL A 76 -19.93 -7.66 35.64
C VAL A 76 -19.45 -7.70 34.20
N ARG A 77 -18.68 -6.68 33.81
CA ARG A 77 -18.23 -6.55 32.42
C ARG A 77 -16.94 -7.30 32.19
N VAL A 78 -17.01 -8.35 31.37
CA VAL A 78 -15.83 -9.16 31.09
C VAL A 78 -15.36 -8.84 29.69
N HIS A 79 -14.07 -8.58 29.51
CA HIS A 79 -13.54 -8.20 28.20
C HIS A 79 -12.13 -8.75 27.94
N GLY A 80 -11.72 -8.72 26.68
CA GLY A 80 -10.37 -9.13 26.30
C GLY A 80 -10.16 -9.28 24.79
N THR A 81 -8.97 -9.71 24.41
CA THR A 81 -8.69 -10.02 23.02
C THR A 81 -8.13 -11.44 22.92
N VAL A 82 -8.84 -12.30 22.20
CA VAL A 82 -8.29 -13.60 21.88
C VAL A 82 -7.05 -13.36 21.03
N PRO A 83 -5.90 -13.95 21.39
CA PRO A 83 -4.65 -13.74 20.67
C PRO A 83 -4.75 -14.03 19.17
N LEU A 84 -4.17 -13.13 18.37
CA LEU A 84 -4.13 -13.22 16.91
C LEU A 84 -3.80 -14.62 16.42
N ASN A 85 -2.94 -15.31 17.15
CA ASN A 85 -2.47 -16.60 16.69
C ASN A 85 -2.97 -17.74 17.57
N GLU A 86 -4.11 -17.54 18.23
CA GLU A 86 -4.75 -18.63 18.96
C GLU A 86 -5.12 -19.75 18.00
N PRO A 87 -4.67 -20.97 18.29
CA PRO A 87 -4.86 -22.15 17.43
C PRO A 87 -6.32 -22.47 17.15
N ILE A 88 -6.64 -22.66 15.87
CA ILE A 88 -7.96 -23.17 15.48
C ILE A 88 -7.77 -24.51 14.77
N PRO A 89 -8.12 -25.62 15.44
CA PRO A 89 -7.86 -26.94 14.83
C PRO A 89 -8.71 -27.20 13.59
N ALA A 90 -8.53 -28.36 12.97
CA ALA A 90 -9.22 -28.74 11.74
C ALA A 90 -10.74 -28.62 11.88
N ASP A 91 -11.27 -29.14 12.98
CA ASP A 91 -12.69 -28.96 13.27
C ASP A 91 -12.89 -27.61 13.93
N LYS A 92 -13.49 -26.70 13.18
CA LYS A 92 -13.65 -25.30 13.58
C LYS A 92 -14.37 -25.15 14.92
N ASN A 93 -15.21 -26.12 15.26
CA ASN A 93 -16.02 -26.04 16.47
C ASN A 93 -15.27 -26.39 17.75
N ARG A 94 -14.06 -26.93 17.62
CA ARG A 94 -13.25 -27.21 18.81
C ARG A 94 -12.62 -25.92 19.34
N ALA A 95 -12.73 -24.85 18.57
CA ALA A 95 -12.17 -23.57 18.95
C ALA A 95 -12.99 -22.89 20.05
N GLN A 96 -12.90 -23.39 21.27
CA GLN A 96 -13.62 -22.76 22.37
C GLN A 96 -12.98 -23.05 23.72
N PHE A 97 -13.26 -22.20 24.69
CA PHE A 97 -12.91 -22.48 26.07
C PHE A 97 -14.18 -22.53 26.90
N THR A 98 -14.34 -23.62 27.65
CA THR A 98 -15.39 -23.72 28.65
C THR A 98 -14.79 -23.36 29.98
N ARG A 99 -15.42 -22.41 30.68
CA ARG A 99 -14.92 -21.97 31.97
C ARG A 99 -16.07 -21.90 32.98
N THR A 100 -15.76 -21.66 34.24
CA THR A 100 -16.81 -21.61 35.27
C THR A 100 -16.77 -20.30 36.05
N ILE A 101 -17.94 -19.87 36.53
CA ILE A 101 -18.03 -18.71 37.41
C ILE A 101 -18.85 -19.01 38.68
N ARG A 102 -18.38 -18.48 39.81
CA ARG A 102 -19.18 -18.47 41.04
C ARG A 102 -19.02 -17.13 41.78
N ALA A 103 -19.94 -16.84 42.68
CA ALA A 103 -19.95 -15.58 43.42
C ALA A 103 -20.28 -15.77 44.91
N TRP A 104 -19.62 -15.00 45.77
CA TRP A 104 -19.90 -14.94 47.19
C TRP A 104 -20.87 -13.78 47.52
N ASP A 105 -21.69 -13.95 48.54
CA ASP A 105 -22.42 -12.80 49.09
C ASP A 105 -21.65 -12.29 50.32
N ALA A 106 -22.21 -11.33 51.04
CA ALA A 106 -21.55 -10.78 52.22
C ALA A 106 -21.59 -11.73 53.42
N ALA A 107 -22.42 -12.76 53.34
CA ALA A 107 -22.60 -13.70 54.45
C ALA A 107 -21.76 -14.98 54.29
N GLY A 108 -20.96 -15.07 53.23
CA GLY A 108 -20.06 -16.20 53.08
C GLY A 108 -20.65 -17.39 52.36
N ASN A 109 -21.82 -17.19 51.77
CA ASN A 109 -22.41 -18.21 50.92
C ASN A 109 -21.81 -18.08 49.52
N VAL A 110 -21.27 -19.17 48.98
CA VAL A 110 -20.73 -19.12 47.63
C VAL A 110 -21.60 -19.97 46.72
N SER A 111 -21.90 -19.47 45.53
CA SER A 111 -22.68 -20.26 44.60
C SER A 111 -21.84 -21.43 44.06
N SER A 112 -22.53 -22.41 43.50
CA SER A 112 -21.89 -23.52 42.85
C SER A 112 -21.51 -23.11 41.44
N ASN A 113 -20.31 -23.51 40.99
CA ASN A 113 -19.83 -23.14 39.66
C ASN A 113 -20.82 -23.48 38.56
N ILE A 114 -21.06 -22.51 37.69
CA ILE A 114 -21.82 -22.77 36.48
C ILE A 114 -20.94 -22.41 35.27
N THR A 115 -21.21 -23.04 34.13
CA THR A 115 -20.32 -22.88 32.99
C THR A 115 -20.67 -21.71 32.10
N PHE A 116 -19.64 -21.10 31.52
CA PHE A 116 -19.82 -20.28 30.34
C PHE A 116 -18.80 -20.75 29.27
N VAL A 117 -19.12 -20.52 28.01
CA VAL A 117 -18.25 -20.98 26.92
C VAL A 117 -17.88 -19.78 26.05
N ILE A 118 -16.57 -19.56 25.87
CA ILE A 118 -16.08 -18.54 24.93
C ILE A 118 -15.67 -19.19 23.63
N LYS A 119 -16.47 -18.97 22.60
CA LYS A 119 -16.12 -19.45 21.27
CA LYS A 119 -16.14 -19.45 21.24
C LYS A 119 -15.29 -18.41 20.53
N TYR A 120 -14.28 -18.86 19.79
CA TYR A 120 -13.49 -17.92 19.01
C TYR A 120 -13.29 -18.47 17.60
N ARG A 121 -13.26 -17.56 16.61
CA ARG A 121 -13.15 -17.92 15.21
C ARG A 121 -12.16 -17.01 14.49
N ALA A 122 -11.78 -17.43 13.28
CA ALA A 122 -10.89 -16.67 12.42
C ALA A 122 -11.56 -15.39 11.92
N GLN A 123 -10.76 -14.35 11.71
CA GLN A 123 -11.31 -13.07 11.32
C GLN A 123 -12.10 -13.11 10.03
N THR A 124 -11.78 -14.02 9.12
CA THR A 124 -12.49 -14.03 7.86
C THR A 124 -13.93 -14.51 8.05
N ASP A 125 -14.19 -15.23 9.15
CA ASP A 125 -15.56 -15.64 9.43
C ASP A 125 -16.42 -14.41 9.70
N LYS A 126 -15.81 -13.37 10.25
CA LYS A 126 -16.51 -12.13 10.52
C LYS A 126 -16.71 -11.29 9.27
N TYR A 127 -15.73 -11.34 8.36
CA TYR A 127 -15.70 -10.39 7.25
C TYR A 127 -16.10 -11.00 5.91
N ASN A 128 -16.96 -10.28 5.20
CA ASN A 128 -17.42 -10.67 3.88
C ASN A 128 -17.19 -9.52 2.88
N PRO A 129 -16.11 -9.62 2.10
CA PRO A 129 -15.69 -8.52 1.20
C PRO A 129 -16.66 -8.25 0.06
N ALA A 130 -17.08 -7.01 -0.08
CA ALA A 130 -17.81 -6.59 -1.28
C ALA A 130 -16.85 -6.47 -2.47
N ASP A 131 -17.32 -6.85 -3.66
CA ASP A 131 -16.54 -6.69 -4.88
C ASP A 131 -16.23 -5.21 -5.18
N PRO A 132 -15.02 -4.93 -5.70
CA PRO A 132 -14.68 -3.54 -6.01
C PRO A 132 -15.31 -3.09 -7.33
N THR A 133 -15.37 -1.79 -7.55
CA THR A 133 -15.62 -1.27 -8.90
C THR A 133 -14.56 -1.83 -9.85
N ILE A 134 -14.98 -2.21 -11.04
CA ILE A 134 -14.09 -2.87 -12.00
C ILE A 134 -12.93 -1.95 -12.38
N THR A 135 -11.73 -2.53 -12.46
CA THR A 135 -10.56 -1.81 -12.91
C THR A 135 -10.20 -2.29 -14.31
N TYR A 136 -10.26 -1.37 -15.28
CA TYR A 136 -9.96 -1.73 -16.66
C TYR A 136 -8.46 -1.72 -16.96
N VAL A 137 -8.00 -2.82 -17.55
CA VAL A 137 -6.58 -3.07 -17.71
C VAL A 137 -6.27 -3.33 -19.18
N ASP A 138 -5.01 -3.19 -19.55
CA ASP A 138 -4.59 -3.41 -20.93
C ASP A 138 -4.46 -4.89 -21.27
N ARG A 139 -3.89 -5.66 -20.34
CA ARG A 139 -3.74 -7.11 -20.49
C ARG A 139 -4.14 -7.85 -19.21
N LEU A 140 -5.20 -8.64 -19.31
CA LEU A 140 -5.78 -9.37 -18.19
C LEU A 140 -4.83 -10.36 -17.51
N SER A 141 -3.90 -10.92 -18.28
CA SER A 141 -2.98 -11.91 -17.73
C SER A 141 -1.67 -11.29 -17.25
N SER A 142 -1.59 -9.96 -17.28
CA SER A 142 -0.40 -9.27 -16.83
C SER A 142 -0.67 -7.82 -16.45
N LEU A 143 -1.18 -7.61 -15.23
CA LEU A 143 -1.47 -6.25 -14.77
C LEU A 143 -0.18 -5.46 -14.55
N SER A 144 -0.25 -4.17 -14.86
CA SER A 144 0.87 -3.26 -14.62
C SER A 144 0.88 -2.89 -13.15
N PRO A 145 2.00 -2.32 -12.66
CA PRO A 145 2.02 -1.88 -11.27
C PRO A 145 0.93 -0.87 -10.91
N SER A 146 0.65 0.07 -11.82
CA SER A 146 -0.38 1.05 -11.52
C SER A 146 -1.75 0.39 -11.49
N GLU A 147 -1.92 -0.65 -12.29
CA GLU A 147 -3.20 -1.36 -12.29
C GLU A 147 -3.39 -2.17 -11.01
N LYS A 148 -2.32 -2.76 -10.48
CA LYS A 148 -2.44 -3.44 -9.19
C LYS A 148 -2.79 -2.45 -8.06
N ASN A 149 -2.14 -1.28 -8.07
CA ASN A 149 -2.44 -0.24 -7.09
C ASN A 149 -3.91 0.20 -7.14
N ALA A 150 -4.47 0.27 -8.35
CA ALA A 150 -5.84 0.72 -8.52
C ALA A 150 -6.80 -0.33 -7.95
N VAL A 151 -6.46 -1.59 -8.18
CA VAL A 151 -7.20 -2.71 -7.59
C VAL A 151 -7.20 -2.64 -6.08
N GLU A 152 -6.01 -2.65 -5.47
CA GLU A 152 -5.92 -2.57 -4.01
C GLU A 152 -6.73 -1.40 -3.47
N ALA A 153 -6.64 -0.25 -4.13
CA ALA A 153 -7.44 0.93 -3.77
C ALA A 153 -8.94 0.68 -3.90
N ALA A 154 -9.35 0.09 -4.99
CA ALA A 154 -10.75 -0.18 -5.25
C ALA A 154 -11.33 -1.16 -4.25
N VAL A 155 -10.58 -2.17 -3.91
CA VAL A 155 -11.05 -3.14 -2.94
C VAL A 155 -11.16 -2.51 -1.56
N ARG A 156 -10.09 -1.84 -1.15
CA ARG A 156 -10.06 -1.10 0.10
C ARG A 156 -11.23 -0.11 0.18
N ALA A 157 -11.49 0.61 -0.90
CA ALA A 157 -12.60 1.58 -0.94
C ALA A 157 -13.96 0.90 -0.76
N ALA A 158 -14.11 -0.30 -1.31
CA ALA A 158 -15.40 -0.99 -1.30
C ALA A 158 -15.67 -1.68 0.02
N ASN A 159 -14.67 -1.70 0.90
CA ASN A 159 -14.78 -2.43 2.16
C ASN A 159 -14.15 -1.67 3.32
N PRO A 160 -14.77 -0.55 3.71
CA PRO A 160 -14.24 0.26 4.81
C PRO A 160 -14.40 -0.42 6.16
N GLN A 161 -15.28 -1.42 6.25
CA GLN A 161 -15.52 -2.12 7.51
C GLN A 161 -14.42 -3.14 7.79
N ILE A 162 -13.64 -3.46 6.76
CA ILE A 162 -12.54 -4.40 6.90
C ILE A 162 -11.41 -3.72 7.68
N PRO A 163 -10.67 -4.48 8.50
CA PRO A 163 -9.60 -3.89 9.32
C PRO A 163 -8.50 -3.25 8.51
N ALA A 164 -7.96 -2.13 9.01
CA ALA A 164 -6.92 -1.42 8.31
C ALA A 164 -5.62 -2.21 8.32
N ALA A 165 -5.49 -3.09 9.30
CA ALA A 165 -4.29 -3.91 9.44
C ALA A 165 -4.37 -5.15 8.54
N ALA A 166 -5.48 -5.30 7.83
CA ALA A 166 -5.58 -6.35 6.83
C ALA A 166 -4.78 -5.92 5.59
N ARG A 167 -4.09 -6.88 4.99
CA ARG A 167 -3.27 -6.58 3.83
C ARG A 167 -3.89 -7.17 2.59
N ILE A 168 -4.06 -6.30 1.58
CA ILE A 168 -4.64 -6.66 0.31
C ILE A 168 -3.55 -6.84 -0.73
N THR A 169 -3.51 -8.01 -1.36
CA THR A 169 -2.53 -8.30 -2.41
C THR A 169 -3.25 -8.58 -3.72
N VAL A 170 -2.53 -8.44 -4.84
CA VAL A 170 -3.11 -8.59 -6.16
C VAL A 170 -2.12 -9.36 -7.05
N SER A 171 -2.61 -10.39 -7.73
CA SER A 171 -1.73 -11.23 -8.55
C SER A 171 -1.62 -10.70 -9.98
N ALA A 172 -0.83 -11.38 -10.80
CA ALA A 172 -0.57 -10.97 -12.18
C ALA A 172 -1.85 -10.91 -13.02
N ASN A 173 -2.84 -11.75 -12.70
CA ASN A 173 -4.09 -11.71 -13.43
C ASN A 173 -5.19 -11.00 -12.65
N GLY A 174 -4.81 -10.27 -11.62
CA GLY A 174 -5.77 -9.48 -10.88
C GLY A 174 -6.54 -10.20 -9.79
N THR A 175 -6.10 -11.40 -9.41
CA THR A 175 -6.76 -12.08 -8.30
C THR A 175 -6.43 -11.37 -7.01
N VAL A 176 -7.46 -11.06 -6.23
CA VAL A 176 -7.28 -10.34 -4.98
C VAL A 176 -7.23 -11.33 -3.82
N THR A 177 -6.19 -11.24 -3.00
CA THR A 177 -6.19 -11.91 -1.69
C THR A 177 -6.27 -10.84 -0.60
N ILE A 178 -7.19 -11.04 0.34
CA ILE A 178 -7.28 -10.19 1.54
C ILE A 178 -6.83 -11.01 2.73
N THR A 179 -5.74 -10.60 3.36
CA THR A 179 -5.20 -11.35 4.48
C THR A 179 -5.36 -10.54 5.75
N TYR A 180 -6.31 -11.00 6.58
CA TYR A 180 -6.60 -10.39 7.87
C TYR A 180 -5.44 -10.48 8.84
N PRO A 181 -5.44 -9.63 9.88
CA PRO A 181 -4.34 -9.63 10.85
C PRO A 181 -4.02 -11.00 11.49
N ASP A 182 -4.99 -11.92 11.57
CA ASP A 182 -4.76 -13.24 12.16
C ASP A 182 -4.34 -14.28 11.12
N SER A 183 -4.06 -13.79 9.91
CA SER A 183 -3.58 -14.56 8.77
C SER A 183 -4.62 -15.44 8.09
N SER A 184 -5.89 -15.29 8.46
CA SER A 184 -6.97 -15.94 7.72
C SER A 184 -7.28 -15.06 6.51
N THR A 185 -7.84 -15.64 5.45
CA THR A 185 -7.92 -14.92 4.18
C THR A 185 -9.28 -14.97 3.52
N ASP A 186 -9.52 -14.01 2.63
CA ASP A 186 -10.63 -14.07 1.69
C ASP A 186 -10.03 -13.89 0.30
N THR A 187 -10.77 -14.28 -0.74
CA THR A 187 -10.26 -14.17 -2.10
C THR A 187 -11.35 -13.61 -3.01
N ILE A 188 -10.94 -12.82 -4.01
CA ILE A 188 -11.85 -12.31 -5.02
C ILE A 188 -11.31 -12.69 -6.39
N THR A 189 -12.14 -13.35 -7.20
CA THR A 189 -11.71 -13.90 -8.47
C THR A 189 -11.48 -12.79 -9.51
N ALA A 190 -10.53 -13.03 -10.41
CA ALA A 190 -10.10 -12.02 -11.37
C ALA A 190 -11.28 -11.49 -12.19
N ASN A 191 -12.16 -12.39 -12.62
CA ASN A 191 -13.30 -12.00 -13.44
C ASN A 191 -14.33 -11.12 -12.71
N ARG A 192 -14.08 -10.79 -11.45
CA ARG A 192 -14.96 -9.87 -10.72
CA ARG A 192 -14.96 -9.86 -10.73
C ARG A 192 -14.20 -8.62 -10.29
N VAL A 193 -12.94 -8.54 -10.69
CA VAL A 193 -12.09 -7.42 -10.27
C VAL A 193 -11.56 -6.62 -11.46
N VAL A 194 -11.13 -7.31 -12.52
CA VAL A 194 -10.56 -6.64 -13.69
C VAL A 194 -11.23 -7.06 -15.00
N LYS A 195 -11.19 -6.16 -15.98
CA LYS A 195 -11.73 -6.39 -17.32
C LYS A 195 -10.82 -5.73 -18.37
N ASP A 196 -10.81 -6.28 -19.58
CA ASP A 196 -10.02 -5.72 -20.67
C ASP A 196 -10.53 -4.32 -21.06
N LEU A 197 -9.61 -3.36 -21.12
CA LEU A 197 -9.95 -1.99 -21.50
C LEU A 197 -10.42 -1.89 -22.95
N ALA A 198 -9.66 -2.48 -23.86
CA ALA A 198 -9.94 -2.33 -25.30
C ALA A 198 -11.25 -2.98 -25.72
N SER A 199 -11.71 -3.95 -24.94
CA SER A 199 -12.92 -4.71 -25.27
C SER A 199 -14.15 -4.01 -24.76
N SER A 200 -14.00 -3.33 -23.63
CA SER A 200 -15.09 -2.61 -23.03
C SER A 200 -15.31 -1.27 -23.73
N ARG A 201 -14.46 -1.01 -24.74
CA ARG A 201 -14.49 0.17 -25.60
C ARG A 201 -15.81 0.93 -25.67
N THR B 4 26.56 42.42 -45.41
CA THR B 4 26.30 41.20 -46.15
C THR B 4 26.22 40.02 -45.18
N ASP B 5 25.29 39.11 -45.44
CA ASP B 5 25.21 37.87 -44.67
C ASP B 5 25.53 36.66 -45.54
N THR B 6 26.69 36.06 -45.27
CA THR B 6 27.08 34.80 -45.90
CA THR B 6 27.08 34.81 -45.90
C THR B 6 27.47 33.81 -44.82
N THR B 7 27.04 34.10 -43.59
CA THR B 7 27.42 33.29 -42.42
C THR B 7 26.22 32.58 -41.78
N PRO B 8 26.29 31.24 -41.70
CA PRO B 8 25.23 30.43 -41.10
C PRO B 8 25.06 30.70 -39.61
N PRO B 9 23.88 30.40 -39.05
CA PRO B 9 23.62 30.54 -37.61
C PRO B 9 24.46 29.56 -36.79
N THR B 10 24.64 29.82 -35.49
CA THR B 10 25.36 28.89 -34.64
C THR B 10 24.42 28.19 -33.67
N ILE B 11 24.56 26.87 -33.54
CA ILE B 11 23.65 26.08 -32.74
C ILE B 11 24.34 25.52 -31.51
N THR B 12 23.75 25.74 -30.35
CA THR B 12 24.28 25.15 -29.15
C THR B 12 23.34 24.06 -28.63
N VAL B 13 23.84 22.82 -28.59
CA VAL B 13 23.04 21.69 -28.13
C VAL B 13 23.37 21.36 -26.68
N PRO B 14 22.39 20.85 -25.93
CA PRO B 14 22.63 20.34 -24.57
C PRO B 14 23.62 19.18 -24.59
N SER B 15 24.55 19.18 -23.63
CA SER B 15 25.60 18.17 -23.61
C SER B 15 25.12 16.83 -23.02
N ASP B 16 24.12 16.88 -22.14
CA ASP B 16 23.66 15.65 -21.49
C ASP B 16 22.14 15.53 -21.42
N ILE B 17 21.54 15.01 -22.48
CA ILE B 17 20.11 14.79 -22.53
C ILE B 17 19.85 13.36 -22.12
N ILE B 18 19.26 13.22 -20.95
CA ILE B 18 18.98 11.88 -20.42
C ILE B 18 17.50 11.77 -20.09
N ALA B 19 16.82 10.87 -20.79
CA ALA B 19 15.41 10.65 -20.54
C ALA B 19 15.19 9.31 -19.86
N TYR B 20 14.05 9.19 -19.19
CA TYR B 20 13.67 7.93 -18.55
C TYR B 20 12.32 7.50 -19.09
N ARG B 21 12.20 6.21 -19.40
CA ARG B 21 11.00 5.66 -20.01
C ARG B 21 9.74 6.09 -19.29
N GLY B 22 8.77 6.58 -20.05
CA GLY B 22 7.45 6.88 -19.50
C GLY B 22 7.32 8.25 -18.89
N GLU B 23 8.46 8.91 -18.65
CA GLU B 23 8.48 10.22 -18.03
C GLU B 23 8.84 11.33 -19.01
N GLU B 24 8.04 12.36 -19.04
CA GLU B 24 8.27 13.47 -19.93
C GLU B 24 9.56 14.22 -19.66
N PHE B 25 10.31 14.47 -20.71
CA PHE B 25 11.54 15.27 -20.60
C PHE B 25 11.39 16.55 -21.41
N GLU B 26 12.31 17.48 -21.17
CA GLU B 26 12.41 18.67 -21.97
C GLU B 26 13.86 19.17 -22.00
N PHE B 27 14.24 19.77 -23.12
CA PHE B 27 15.55 20.42 -23.23
C PHE B 27 15.44 21.50 -24.29
N TYR B 28 16.47 22.34 -24.34
CA TYR B 28 16.47 23.48 -25.22
C TYR B 28 17.68 23.52 -26.16
N PHE B 29 17.44 23.80 -27.44
CA PHE B 29 18.51 24.23 -28.31
C PHE B 29 18.66 25.74 -28.16
N GLU B 30 19.89 26.25 -28.15
CA GLU B 30 20.11 27.70 -28.28
C GLU B 30 20.73 28.03 -29.61
N ILE B 31 20.10 28.95 -30.35
CA ILE B 31 20.58 29.28 -31.67
C ILE B 31 20.80 30.79 -31.82
N THR B 32 21.87 31.13 -32.52
CA THR B 32 22.33 32.51 -32.69
C THR B 32 22.76 32.78 -34.12
N ASP B 33 22.53 34.00 -34.60
CA ASP B 33 23.05 34.42 -35.90
C ASP B 33 23.50 35.89 -35.88
N ASP B 34 24.59 36.17 -36.59
CA ASP B 34 24.99 37.53 -36.98
C ASP B 34 23.84 38.54 -37.16
N SER B 35 23.03 38.28 -38.18
CA SER B 35 21.84 39.07 -38.49
C SER B 35 20.87 39.24 -37.30
N GLY B 36 21.03 38.41 -36.29
CA GLY B 36 20.12 38.46 -35.15
C GLY B 36 18.76 37.85 -35.48
N GLN B 37 18.66 37.22 -36.64
CA GLN B 37 17.43 36.54 -37.04
C GLN B 37 17.69 35.11 -37.53
N VAL B 38 17.02 34.14 -36.91
CA VAL B 38 17.03 32.75 -37.39
C VAL B 38 15.68 32.43 -38.00
N LYS B 39 15.69 31.93 -39.23
CA LYS B 39 14.44 31.65 -39.94
C LYS B 39 13.72 30.35 -39.45
N ASN B 40 14.38 29.20 -39.60
CA ASN B 40 13.80 27.90 -39.19
C ASN B 40 14.91 26.93 -38.83
N ILE B 41 14.54 25.78 -38.29
CA ILE B 41 15.46 24.68 -38.04
C ILE B 41 14.91 23.38 -38.61
N GLU B 42 15.78 22.37 -38.71
CA GLU B 42 15.32 21.04 -39.06
C GLU B 42 15.98 19.98 -38.18
N LEU B 43 15.17 19.08 -37.63
CA LEU B 43 15.67 17.92 -36.88
C LEU B 43 15.59 16.72 -37.79
N SER B 44 16.65 15.90 -37.79
CA SER B 44 16.74 14.82 -38.75
C SER B 44 17.64 13.70 -38.25
N THR B 45 17.63 12.56 -38.96
CA THR B 45 18.65 11.53 -38.78
C THR B 45 19.73 11.71 -39.84
N PHE B 46 20.68 12.60 -39.56
CA PHE B 46 21.75 12.94 -40.50
C PHE B 46 21.22 13.19 -41.91
N GLY B 47 20.14 13.95 -42.01
CA GLY B 47 19.55 14.31 -43.29
C GLY B 47 18.27 13.56 -43.61
N LYS B 48 18.14 12.36 -43.03
CA LYS B 48 16.99 11.50 -43.24
C LYS B 48 15.89 11.82 -42.22
N PRO B 49 14.67 11.27 -42.40
CA PRO B 49 13.61 11.49 -41.42
C PRO B 49 14.02 11.22 -39.97
N LEU B 50 13.46 12.00 -39.05
CA LEU B 50 13.84 11.98 -37.64
C LEU B 50 13.48 10.64 -36.97
N GLY B 51 12.35 10.08 -37.37
CA GLY B 51 11.89 8.80 -36.85
C GLY B 51 11.59 8.78 -35.35
N LEU B 52 11.16 9.92 -34.80
CA LEU B 52 10.82 9.97 -33.38
C LEU B 52 9.49 10.69 -33.19
N ASN B 53 8.39 10.00 -33.46
CA ASN B 53 7.07 10.63 -33.43
CA ASN B 53 7.08 10.66 -33.44
C ASN B 53 6.69 11.13 -32.04
N TRP B 54 7.35 10.62 -31.00
CA TRP B 54 7.02 11.04 -29.64
C TRP B 54 7.81 12.27 -29.23
N LEU B 55 8.59 12.82 -30.15
CA LEU B 55 9.33 14.04 -29.86
C LEU B 55 8.69 15.24 -30.54
N GLU B 56 8.65 16.37 -29.86
CA GLU B 56 8.01 17.56 -30.42
C GLU B 56 8.80 18.81 -30.05
N TYR B 57 8.75 19.84 -30.89
CA TYR B 57 9.38 21.10 -30.52
C TYR B 57 8.59 22.34 -30.95
N SER B 58 8.80 23.42 -30.20
CA SER B 58 8.08 24.68 -30.36
C SER B 58 8.67 25.51 -31.50
N GLU B 59 7.78 26.06 -32.32
CA GLU B 59 8.20 26.96 -33.40
C GLU B 59 7.85 28.42 -33.06
N ASP B 60 7.71 28.71 -31.78
CA ASP B 60 7.47 30.07 -31.30
C ASP B 60 8.60 31.02 -31.67
N ASN B 61 8.22 32.19 -32.17
CA ASN B 61 9.13 33.27 -32.52
C ASN B 61 10.15 32.97 -33.63
N PHE B 62 9.85 31.98 -34.48
CA PHE B 62 10.73 31.69 -35.62
C PHE B 62 10.61 32.78 -36.69
N ASN B 63 11.73 33.07 -37.35
CA ASN B 63 11.79 33.96 -38.51
C ASN B 63 11.25 35.37 -38.23
N VAL B 64 11.65 35.91 -37.09
CA VAL B 64 11.32 37.27 -36.65
C VAL B 64 12.62 38.04 -36.35
N PRO B 65 12.71 39.31 -36.81
CA PRO B 65 13.94 40.08 -36.54
C PRO B 65 14.30 40.13 -35.05
N GLY B 66 15.58 39.98 -34.73
CA GLY B 66 16.02 40.03 -33.33
C GLY B 66 15.67 38.83 -32.45
N ASN B 67 15.28 37.70 -33.04
CA ASN B 67 14.92 36.52 -32.24
C ASN B 67 16.11 35.67 -31.85
N ALA B 68 17.26 35.99 -32.43
CA ALA B 68 18.46 35.16 -32.27
C ALA B 68 19.75 35.96 -32.24
N THR B 69 19.91 36.79 -31.22
CA THR B 69 21.14 37.56 -31.04
C THR B 69 22.02 36.90 -29.97
N SER B 70 23.27 37.33 -29.90
CA SER B 70 24.20 36.76 -28.93
C SER B 70 23.79 37.05 -27.48
N ASP B 71 22.98 38.11 -27.28
CA ASP B 71 22.46 38.44 -25.96
C ASP B 71 21.18 37.67 -25.64
N ASN B 72 20.31 37.53 -26.64
CA ASN B 72 19.08 36.75 -26.49
C ASN B 72 18.93 35.82 -27.67
N PRO B 73 19.46 34.60 -27.54
CA PRO B 73 19.38 33.63 -28.62
C PRO B 73 17.98 33.03 -28.72
N LEU B 74 17.68 32.45 -29.87
CA LEU B 74 16.46 31.68 -30.05
C LEU B 74 16.55 30.42 -29.21
N ARG B 75 15.63 30.27 -28.26
CA ARG B 75 15.60 29.09 -27.41
C ARG B 75 14.45 28.17 -27.79
N VAL B 76 14.76 27.11 -28.54
CA VAL B 76 13.75 26.17 -28.99
C VAL B 76 13.47 25.10 -27.95
N ARG B 77 12.28 25.15 -27.35
CA ARG B 77 11.89 24.14 -26.38
C ARG B 77 11.54 22.82 -27.05
N VAL B 78 12.20 21.74 -26.63
CA VAL B 78 11.97 20.40 -27.14
C VAL B 78 11.43 19.55 -25.99
N HIS B 79 10.37 18.78 -26.22
CA HIS B 79 9.86 17.88 -25.19
C HIS B 79 9.35 16.57 -25.76
N GLY B 80 9.16 15.58 -24.89
CA GLY B 80 8.55 14.34 -25.29
C GLY B 80 8.59 13.27 -24.22
N THR B 81 8.09 12.10 -24.56
CA THR B 81 8.15 10.94 -23.68
C THR B 81 8.67 9.73 -24.46
N VAL B 82 9.78 9.17 -23.99
CA VAL B 82 10.28 7.92 -24.56
C VAL B 82 9.33 6.80 -24.17
N PRO B 83 8.94 5.97 -25.15
CA PRO B 83 7.96 4.92 -24.91
C PRO B 83 8.32 4.04 -23.69
N LEU B 84 7.30 3.75 -22.89
CA LEU B 84 7.43 2.98 -21.65
C LEU B 84 8.12 1.64 -21.84
N ASN B 85 7.90 1.01 -22.99
CA ASN B 85 8.50 -0.30 -23.28
C ASN B 85 9.62 -0.23 -24.30
N GLU B 86 10.33 0.89 -24.36
CA GLU B 86 11.46 1.01 -25.27
C GLU B 86 12.56 0.03 -24.83
N PRO B 87 12.96 -0.88 -25.75
CA PRO B 87 13.98 -1.90 -25.43
C PRO B 87 15.30 -1.29 -25.00
N ILE B 88 15.90 -1.84 -23.95
CA ILE B 88 17.19 -1.35 -23.48
C ILE B 88 18.30 -2.37 -23.71
N PRO B 89 19.25 -2.04 -24.59
CA PRO B 89 20.38 -2.93 -24.88
C PRO B 89 21.22 -3.21 -23.63
N ALA B 90 21.78 -4.40 -23.54
CA ALA B 90 22.71 -4.74 -22.46
C ALA B 90 23.87 -3.75 -22.45
N ASP B 91 24.27 -3.30 -23.63
CA ASP B 91 25.27 -2.24 -23.76
C ASP B 91 24.60 -0.86 -23.76
N LYS B 92 24.68 -0.17 -22.63
CA LYS B 92 24.01 1.12 -22.47
C LYS B 92 24.41 2.14 -23.55
N ASN B 93 25.60 1.99 -24.12
CA ASN B 93 26.08 2.88 -25.17
C ASN B 93 25.18 2.91 -26.42
N ARG B 94 24.37 1.88 -26.59
CA ARG B 94 23.42 1.85 -27.70
CA ARG B 94 23.40 1.78 -27.67
C ARG B 94 22.02 2.19 -27.21
N ALA B 95 21.89 2.52 -25.93
CA ALA B 95 20.60 2.92 -25.36
C ALA B 95 20.38 4.42 -25.58
N GLN B 96 20.29 4.83 -26.84
CA GLN B 96 20.28 6.24 -27.15
C GLN B 96 19.86 6.49 -28.58
N PHE B 97 19.43 7.71 -28.86
CA PHE B 97 19.14 8.13 -30.22
C PHE B 97 20.08 9.25 -30.62
N THR B 98 20.86 9.02 -31.67
CA THR B 98 21.73 10.05 -32.21
C THR B 98 21.06 10.70 -33.40
N ARG B 99 20.92 12.02 -33.34
CA ARG B 99 20.20 12.76 -34.36
C ARG B 99 20.96 14.05 -34.68
N THR B 100 20.51 14.79 -35.69
CA THR B 100 21.18 16.03 -36.05
C THR B 100 20.20 17.18 -36.20
N ILE B 101 20.70 18.38 -35.97
CA ILE B 101 19.91 19.59 -36.20
C ILE B 101 20.66 20.56 -37.09
N ARG B 102 19.95 21.19 -38.02
CA ARG B 102 20.51 22.35 -38.72
C ARG B 102 19.54 23.54 -38.63
N ALA B 103 20.06 24.74 -38.87
CA ALA B 103 19.28 25.98 -38.78
C ALA B 103 19.75 26.91 -39.88
N TRP B 104 18.87 27.79 -40.34
CA TRP B 104 19.25 28.77 -41.35
C TRP B 104 18.67 30.14 -41.03
N ASP B 105 19.23 31.19 -41.64
CA ASP B 105 18.78 32.57 -41.45
C ASP B 105 17.95 33.03 -42.63
N ALA B 106 17.54 34.30 -42.62
CA ALA B 106 16.69 34.81 -43.69
C ALA B 106 17.41 34.95 -45.03
N ALA B 107 18.74 35.01 -45.00
CA ALA B 107 19.55 35.04 -46.21
C ALA B 107 19.66 33.67 -46.87
N GLY B 108 19.33 32.61 -46.13
CA GLY B 108 19.36 31.27 -46.69
C GLY B 108 20.66 30.53 -46.41
N ASN B 109 21.45 31.08 -45.49
CA ASN B 109 22.67 30.39 -45.07
C ASN B 109 22.31 29.26 -44.12
N VAL B 110 22.55 28.02 -44.55
CA VAL B 110 22.24 26.83 -43.74
C VAL B 110 23.47 26.30 -43.03
N SER B 111 23.34 26.09 -41.72
CA SER B 111 24.41 25.51 -40.90
C SER B 111 24.66 24.05 -41.28
N SER B 112 25.79 23.51 -40.83
CA SER B 112 26.03 22.08 -41.03
C SER B 112 25.15 21.29 -40.06
N ASN B 113 25.00 20.00 -40.32
CA ASN B 113 24.28 19.15 -39.41
C ASN B 113 25.06 18.97 -38.11
N ILE B 114 24.53 19.51 -37.02
CA ILE B 114 25.14 19.36 -35.69
C ILE B 114 24.49 18.20 -34.93
N THR B 115 25.29 17.33 -34.32
CA THR B 115 24.81 16.15 -33.61
CA THR B 115 24.79 16.15 -33.61
C THR B 115 24.29 16.42 -32.20
N PHE B 116 23.17 15.79 -31.84
CA PHE B 116 22.72 15.74 -30.46
C PHE B 116 22.27 14.31 -30.14
N VAL B 117 22.32 13.93 -28.87
CA VAL B 117 22.05 12.55 -28.46
C VAL B 117 21.06 12.50 -27.30
N ILE B 118 19.96 11.79 -27.50
CA ILE B 118 19.00 11.59 -26.44
C ILE B 118 19.22 10.20 -25.87
N LYS B 119 19.80 10.14 -24.68
CA LYS B 119 19.98 8.85 -24.02
C LYS B 119 18.71 8.49 -23.24
N TYR B 120 18.36 7.21 -23.23
CA TYR B 120 17.19 6.80 -22.47
C TYR B 120 17.57 5.64 -21.55
N ARG B 121 16.85 5.56 -20.44
CA ARG B 121 17.19 4.63 -19.37
C ARG B 121 15.93 4.09 -18.71
N ALA B 122 16.07 3.01 -17.96
CA ALA B 122 14.95 2.49 -17.17
C ALA B 122 14.66 3.45 -16.02
N GLN B 123 13.39 3.51 -15.63
CA GLN B 123 12.96 4.35 -14.51
C GLN B 123 13.75 4.14 -13.20
N THR B 124 14.18 2.92 -12.89
CA THR B 124 14.97 2.74 -11.67
C THR B 124 16.33 3.47 -11.74
N ASP B 125 16.80 3.79 -12.93
CA ASP B 125 18.07 4.50 -13.02
C ASP B 125 17.92 5.90 -12.43
N LYS B 126 16.70 6.43 -12.48
CA LYS B 126 16.39 7.73 -11.91
C LYS B 126 16.17 7.66 -10.39
N TYR B 127 15.41 6.68 -9.95
CA TYR B 127 14.96 6.66 -8.57
C TYR B 127 15.90 5.88 -7.64
N ASN B 128 16.24 6.55 -6.54
CA ASN B 128 17.02 5.96 -5.45
CA ASN B 128 17.04 5.96 -5.46
C ASN B 128 16.26 6.04 -4.14
N PRO B 129 15.64 4.92 -3.72
CA PRO B 129 14.81 5.02 -2.52
C PRO B 129 15.61 5.20 -1.24
N ALA B 130 15.18 6.14 -0.40
CA ALA B 130 15.74 6.34 0.93
C ALA B 130 15.23 5.26 1.91
N ASP B 131 16.03 4.98 2.94
CA ASP B 131 15.64 3.99 3.95
C ASP B 131 14.40 4.46 4.74
N PRO B 132 13.46 3.54 4.97
CA PRO B 132 12.25 3.85 5.74
C PRO B 132 12.54 3.88 7.22
N THR B 133 11.64 4.45 8.01
CA THR B 133 11.74 4.35 9.46
C THR B 133 11.73 2.87 9.83
N ILE B 134 12.64 2.45 10.68
CA ILE B 134 12.77 1.04 11.05
CA ILE B 134 12.77 1.04 11.02
C ILE B 134 11.51 0.52 11.72
N THR B 135 11.07 -0.67 11.30
CA THR B 135 9.85 -1.29 11.81
C THR B 135 10.18 -2.61 12.49
N TYR B 136 9.80 -2.75 13.77
CA TYR B 136 10.06 -3.99 14.50
C TYR B 136 8.91 -4.97 14.36
N VAL B 137 9.30 -6.25 14.34
CA VAL B 137 8.38 -7.34 14.08
C VAL B 137 8.62 -8.43 15.13
N ASP B 138 7.63 -9.27 15.39
CA ASP B 138 7.80 -10.28 16.42
C ASP B 138 8.73 -11.40 15.93
N ARG B 139 8.77 -11.60 14.62
CA ARG B 139 9.60 -12.66 14.04
C ARG B 139 10.17 -12.27 12.67
N LEU B 140 11.48 -12.09 12.62
CA LEU B 140 12.19 -11.57 11.44
C LEU B 140 12.02 -12.41 10.19
N SER B 141 11.84 -13.70 10.38
CA SER B 141 11.78 -14.63 9.26
C SER B 141 10.35 -14.83 8.77
N SER B 142 9.40 -14.20 9.46
CA SER B 142 7.98 -14.37 9.11
C SER B 142 7.13 -13.20 9.60
N LEU B 143 7.06 -12.17 8.78
CA LEU B 143 6.28 -10.99 9.10
C LEU B 143 4.80 -11.26 9.01
N SER B 144 4.04 -10.52 9.80
CA SER B 144 2.59 -10.60 9.81
C SER B 144 2.00 -9.55 8.88
N PRO B 145 0.75 -9.77 8.42
CA PRO B 145 0.03 -8.82 7.56
C PRO B 145 0.11 -7.38 8.04
N SER B 146 -0.02 -7.16 9.35
CA SER B 146 0.04 -5.81 9.90
CA SER B 146 0.03 -5.81 9.89
C SER B 146 1.45 -5.21 9.76
N GLU B 147 2.47 -6.06 9.97
CA GLU B 147 3.85 -5.60 9.90
C GLU B 147 4.25 -5.25 8.46
N LYS B 148 3.74 -6.01 7.49
CA LYS B 148 3.92 -5.69 6.09
C LYS B 148 3.24 -4.37 5.70
N ASN B 149 2.01 -4.19 6.16
CA ASN B 149 1.27 -2.95 5.92
C ASN B 149 2.06 -1.75 6.42
N ALA B 150 2.70 -1.91 7.58
CA ALA B 150 3.47 -0.82 8.16
C ALA B 150 4.77 -0.58 7.39
N VAL B 151 5.36 -1.67 6.88
CA VAL B 151 6.56 -1.53 6.08
C VAL B 151 6.29 -0.74 4.81
N GLU B 152 5.29 -1.18 4.03
CA GLU B 152 4.90 -0.46 2.83
C GLU B 152 4.65 1.01 3.15
N ALA B 153 3.90 1.27 4.23
CA ALA B 153 3.61 2.65 4.64
C ALA B 153 4.88 3.44 4.99
N ALA B 154 5.85 2.78 5.63
CA ALA B 154 7.09 3.45 6.01
C ALA B 154 7.98 3.75 4.80
N VAL B 155 8.09 2.79 3.88
CA VAL B 155 8.81 2.99 2.63
C VAL B 155 8.18 4.10 1.81
N ARG B 156 6.85 4.05 1.71
CA ARG B 156 6.11 5.02 0.96
C ARG B 156 6.31 6.42 1.54
N ALA B 157 6.32 6.49 2.86
CA ALA B 157 6.40 7.77 3.56
C ALA B 157 7.74 8.44 3.31
N ALA B 158 8.79 7.62 3.29
CA ALA B 158 10.16 8.11 3.16
C ALA B 158 10.54 8.30 1.71
N ASN B 159 9.60 8.08 0.80
CA ASN B 159 9.89 8.24 -0.62
C ASN B 159 8.74 8.81 -1.45
N PRO B 160 8.36 10.08 -1.21
CA PRO B 160 7.34 10.74 -2.03
C PRO B 160 7.80 11.02 -3.45
N GLN B 161 9.09 10.84 -3.74
CA GLN B 161 9.62 11.14 -5.07
C GLN B 161 9.27 10.03 -6.07
N ILE B 162 9.17 8.81 -5.55
CA ILE B 162 8.77 7.65 -6.33
C ILE B 162 7.40 7.89 -6.91
N PRO B 163 7.16 7.44 -8.17
CA PRO B 163 5.82 7.62 -8.73
C PRO B 163 4.73 6.97 -7.89
N ALA B 164 3.55 7.58 -7.89
CA ALA B 164 2.39 7.03 -7.21
C ALA B 164 1.97 5.74 -7.88
N ALA B 165 2.35 5.55 -9.14
CA ALA B 165 1.99 4.37 -9.89
C ALA B 165 2.93 3.18 -9.61
N ALA B 166 4.06 3.44 -8.97
CA ALA B 166 4.97 2.37 -8.63
C ALA B 166 4.34 1.52 -7.53
N ARG B 167 4.72 0.24 -7.48
CA ARG B 167 4.13 -0.65 -6.48
C ARG B 167 5.19 -1.20 -5.53
N ILE B 168 4.92 -1.03 -4.25
CA ILE B 168 5.80 -1.50 -3.22
C ILE B 168 5.28 -2.80 -2.61
N THR B 169 6.05 -3.87 -2.74
CA THR B 169 5.71 -5.16 -2.13
C THR B 169 6.73 -5.51 -1.06
N VAL B 170 6.32 -6.35 -0.11
CA VAL B 170 7.13 -6.74 1.03
C VAL B 170 7.07 -8.27 1.14
N SER B 171 8.22 -8.92 1.33
CA SER B 171 8.23 -10.38 1.42
C SER B 171 8.16 -10.86 2.87
N ALA B 172 8.14 -12.18 3.03
CA ALA B 172 8.02 -12.82 4.35
C ALA B 172 9.10 -12.39 5.32
N ASN B 173 10.28 -12.03 4.80
CA ASN B 173 11.38 -11.67 5.68
C ASN B 173 11.61 -10.18 5.73
N GLY B 174 10.70 -9.43 5.12
CA GLY B 174 10.76 -7.99 5.17
C GLY B 174 11.55 -7.36 4.03
N THR B 175 12.02 -8.16 3.08
CA THR B 175 12.69 -7.62 1.89
C THR B 175 11.71 -6.77 1.06
N VAL B 176 12.09 -5.53 0.75
CA VAL B 176 11.20 -4.63 0.04
C VAL B 176 11.51 -4.50 -1.46
N THR B 177 10.48 -4.67 -2.29
CA THR B 177 10.62 -4.56 -3.73
C THR B 177 9.79 -3.38 -4.25
N ILE B 178 10.45 -2.46 -4.94
CA ILE B 178 9.76 -1.37 -5.62
C ILE B 178 9.77 -1.60 -7.11
N THR B 179 8.57 -1.68 -7.69
CA THR B 179 8.42 -1.96 -9.11
C THR B 179 7.83 -0.74 -9.82
N TYR B 180 8.66 -0.07 -10.63
CA TYR B 180 8.28 1.17 -11.31
C TYR B 180 7.35 0.90 -12.47
N PRO B 181 6.62 1.93 -12.94
CA PRO B 181 5.70 1.75 -14.07
C PRO B 181 6.32 1.06 -15.29
N ASP B 182 7.61 1.22 -15.57
CA ASP B 182 8.21 0.55 -16.73
C ASP B 182 8.68 -0.86 -16.41
N SER B 183 8.31 -1.33 -15.21
CA SER B 183 8.63 -2.67 -14.70
C SER B 183 10.08 -2.87 -14.28
N SER B 184 10.90 -1.81 -14.34
CA SER B 184 12.20 -1.89 -13.67
C SER B 184 11.96 -1.82 -12.16
N THR B 185 12.97 -2.17 -11.37
CA THR B 185 12.78 -2.33 -9.94
C THR B 185 13.90 -1.74 -9.08
N ASP B 186 13.57 -1.44 -7.83
CA ASP B 186 14.57 -1.25 -6.80
C ASP B 186 14.33 -2.25 -5.67
N THR B 187 15.36 -2.51 -4.88
CA THR B 187 15.28 -3.44 -3.76
C THR B 187 15.84 -2.80 -2.48
N ILE B 188 15.18 -3.04 -1.35
CA ILE B 188 15.69 -2.62 -0.05
C ILE B 188 15.83 -3.87 0.82
N THR B 189 17.04 -4.11 1.36
CA THR B 189 17.28 -5.33 2.14
C THR B 189 16.68 -5.23 3.54
N ALA B 190 16.31 -6.37 4.11
CA ALA B 190 15.59 -6.43 5.38
C ALA B 190 16.32 -5.67 6.50
N ASN B 191 17.64 -5.63 6.42
CA ASN B 191 18.47 -4.95 7.42
C ASN B 191 18.15 -3.47 7.60
N ARG B 192 17.64 -2.84 6.57
CA ARG B 192 17.31 -1.44 6.68
C ARG B 192 15.84 -1.24 6.81
N VAL B 193 15.13 -2.35 6.92
CA VAL B 193 13.68 -2.30 7.05
C VAL B 193 13.20 -2.78 8.43
N VAL B 194 13.61 -3.99 8.83
CA VAL B 194 13.02 -4.61 10.00
C VAL B 194 14.01 -5.05 11.09
N LYS B 195 13.49 -5.22 12.30
CA LYS B 195 14.25 -5.71 13.45
C LYS B 195 13.36 -6.47 14.45
N ASP B 196 13.98 -7.28 15.31
CA ASP B 196 13.26 -8.04 16.34
C ASP B 196 12.72 -7.14 17.44
N LEU B 197 11.47 -7.36 17.85
CA LEU B 197 10.81 -6.51 18.85
C LEU B 197 11.33 -6.78 20.26
#